data_6DDM
#
_entry.id   6DDM
#
_cell.length_a   58.690
_cell.length_b   50.177
_cell.length_c   88.633
_cell.angle_alpha   90.000
_cell.angle_beta   90.850
_cell.angle_gamma   90.000
#
_symmetry.space_group_name_H-M   'P 1 21 1'
#
loop_
_entity.id
_entity.type
_entity.pdbx_description
1 polymer 'Anti-MICA Fab fragment light chain clone 1D5'
2 polymer 'MHC class I polypeptide-related sequence A'
3 polymer 'Anti-MICA Fab fragment heavy chain clone 1D5'
4 water water
#
loop_
_entity_poly.entity_id
_entity_poly.type
_entity_poly.pdbx_seq_one_letter_code
_entity_poly.pdbx_strand_id
1 'polypeptide(L)'
;EIILTQSPTTMAASPGEKITITCSASSSISSHYLHWYQQKSGFSPKLLIYRTSNLASGVPARFSGSGSGTSYSLTIGTME
AEDVATYYCQQGSSLPLTFGAGTKLEIKRTVAAPSVFIFPPSDEQLKSGTASVVCLLNNFYPREAKVQWKVDNALQSGNS
QESVTEQDSKDSTYSLSSTLTLSKADYEKHKVYACEVTHQGLSSPVTKSFNRGEC
;
A
2 'polypeptide(L)'
;TVPPMVNVTRSEASEGNITVTCRASSFYPRNIILTWRQDGVSLSHDTQQWGDVLPDGNGTYQTWVATRICRGEEQRFTCY
MEHSGNHSTHPVPS
;
C
3 'polypeptide(L)'
;EIQLQQSGPELVKPGASVKVSCKASGYAFTSQNIYWVKQSHGKSLEWIGYIEPYNVVPMYNPKFKGKATLTVDKSSSSAY
IHLNSLTSEDSAIYYCARSGSSNFDYWGQGTTLTVSSASTKGPSVFPLAPSSKSTSGGTAALGCLVKDYFPEPVTVSWNS
GALTSGVHTFPAVLQSSGLYSLSSVVTVPSSSLGTQTYICNVNHKPSNTKVDKKVEPKSC
;
B
#
# COMPACT_ATOMS: atom_id res chain seq x y z
N GLU A 1 0.55 -16.08 -19.41
CA GLU A 1 1.53 -15.19 -18.71
C GLU A 1 2.52 -16.00 -17.87
N ILE A 2 3.66 -15.41 -17.52
CA ILE A 2 4.57 -16.01 -16.55
C ILE A 2 3.91 -15.91 -15.17
N ILE A 3 3.66 -17.07 -14.55
CA ILE A 3 3.09 -17.14 -13.22
C ILE A 3 4.23 -17.23 -12.21
N LEU A 4 4.18 -16.37 -11.19
CA LEU A 4 5.17 -16.37 -10.13
C LEU A 4 4.52 -16.93 -8.89
N THR A 5 5.09 -18.01 -8.35
CA THR A 5 4.54 -18.68 -7.18
C THR A 5 5.47 -18.43 -6.00
N GLN A 6 4.93 -17.75 -4.99
CA GLN A 6 5.71 -17.39 -3.81
C GLN A 6 5.45 -18.36 -2.68
N SER A 7 6.52 -18.77 -2.00
N SER A 7 6.52 -18.75 -1.99
CA SER A 7 6.43 -19.67 -0.85
CA SER A 7 6.46 -19.67 -0.86
C SER A 7 7.39 -19.19 0.24
C SER A 7 7.39 -19.17 0.24
N PRO A 8 6.98 -19.28 1.51
CA PRO A 8 5.65 -19.69 2.00
C PRO A 8 4.62 -18.56 1.79
N THR A 9 3.35 -18.86 1.94
N THR A 9 3.34 -18.82 1.97
CA THR A 9 2.27 -17.87 1.82
CA THR A 9 2.31 -17.77 1.87
C THR A 9 2.37 -16.88 2.99
C THR A 9 2.36 -16.83 3.06
N THR A 10 2.70 -17.43 4.15
N THR A 10 2.60 -17.41 4.23
CA THR A 10 2.87 -16.65 5.34
CA THR A 10 2.84 -16.63 5.43
C THR A 10 3.88 -17.34 6.23
C THR A 10 3.93 -17.31 6.23
N MET A 11 4.61 -16.57 7.03
N MET A 11 4.65 -16.55 7.03
CA MET A 11 5.55 -17.17 7.95
CA MET A 11 5.61 -17.15 7.94
C MET A 11 5.86 -16.20 9.08
C MET A 11 5.89 -16.19 9.08
N ALA A 12 6.05 -16.76 10.27
CA ALA A 12 6.42 -16.01 11.46
C ALA A 12 7.89 -16.36 11.71
N ALA A 13 8.72 -15.33 11.86
CA ALA A 13 10.14 -15.48 12.17
C ALA A 13 10.42 -14.91 13.56
N SER A 14 11.33 -15.54 14.31
CA SER A 14 11.76 -14.96 15.58
C SER A 14 12.65 -13.76 15.33
N PRO A 15 12.69 -12.80 16.28
CA PRO A 15 13.64 -11.68 16.17
C PRO A 15 15.07 -12.22 16.03
N GLY A 16 15.81 -11.69 15.06
CA GLY A 16 17.18 -12.11 14.81
C GLY A 16 17.34 -13.35 13.94
N GLU A 17 16.23 -13.94 13.52
CA GLU A 17 16.25 -15.14 12.69
C GLU A 17 16.57 -14.78 11.24
N LYS A 18 17.36 -15.63 10.60
CA LYS A 18 17.58 -15.54 9.15
C LYS A 18 16.39 -16.19 8.47
N ILE A 19 15.69 -15.44 7.61
N ILE A 19 15.69 -15.43 7.62
CA ILE A 19 14.51 -15.97 6.95
CA ILE A 19 14.49 -15.90 6.94
C ILE A 19 14.63 -15.77 5.44
C ILE A 19 14.70 -15.79 5.44
N THR A 20 14.32 -16.83 4.71
CA THR A 20 14.40 -16.85 3.24
C THR A 20 13.03 -17.18 2.69
N ILE A 21 12.58 -16.36 1.74
CA ILE A 21 11.33 -16.60 1.01
C ILE A 21 11.69 -16.80 -0.46
N THR A 22 10.85 -17.54 -1.17
N THR A 22 10.89 -17.58 -1.17
CA THR A 22 11.15 -18.01 -2.52
CA THR A 22 11.21 -17.97 -2.55
C THR A 22 10.11 -17.54 -3.53
C THR A 22 10.13 -17.57 -3.53
N CYS A 23 10.55 -17.39 -4.77
CA CYS A 23 9.69 -17.00 -5.88
C CYS A 23 10.04 -17.92 -7.04
N SER A 24 9.07 -18.72 -7.46
CA SER A 24 9.26 -19.69 -8.53
C SER A 24 8.48 -19.25 -9.77
N ALA A 25 9.18 -19.11 -10.89
CA ALA A 25 8.58 -18.67 -12.16
C ALA A 25 8.18 -19.88 -13.00
N SER A 26 7.05 -19.78 -13.69
CA SER A 26 6.54 -20.88 -14.52
C SER A 26 7.43 -21.20 -15.72
N SER A 27 8.24 -20.24 -16.16
CA SER A 27 9.30 -20.50 -17.12
C SER A 27 10.51 -19.59 -16.84
N SER A 28 11.64 -19.90 -17.47
CA SER A 28 12.90 -19.23 -17.19
C SER A 28 12.88 -17.75 -17.58
N ILE A 29 13.42 -16.91 -16.69
CA ILE A 29 13.57 -15.48 -16.96
C ILE A 29 15.00 -15.05 -16.63
N SER A 30 15.44 -13.94 -17.23
CA SER A 30 16.71 -13.33 -16.84
C SER A 30 16.57 -12.76 -15.44
N SER A 31 17.62 -12.91 -14.65
CA SER A 31 17.69 -12.31 -13.32
C SER A 31 17.64 -10.79 -13.39
N HIS A 32 17.93 -10.21 -14.54
CA HIS A 32 17.87 -8.76 -14.71
C HIS A 32 16.43 -8.22 -14.77
N TYR A 33 15.45 -9.10 -14.92
CA TYR A 33 14.06 -8.69 -15.03
C TYR A 33 13.21 -9.30 -13.91
N LEU A 34 13.80 -9.50 -12.73
CA LEU A 34 13.12 -10.01 -11.55
C LEU A 34 13.41 -9.04 -10.41
N HIS A 35 12.35 -8.53 -9.79
CA HIS A 35 12.47 -7.49 -8.77
C HIS A 35 11.58 -7.86 -7.59
N TRP A 36 11.89 -7.29 -6.42
CA TRP A 36 11.07 -7.49 -5.21
C TRP A 36 10.59 -6.18 -4.61
N TYR A 37 9.38 -6.22 -4.05
CA TYR A 37 8.73 -5.08 -3.41
C TYR A 37 8.29 -5.45 -2.01
N GLN A 38 8.29 -4.46 -1.12
CA GLN A 38 7.82 -4.61 0.25
C GLN A 38 6.62 -3.68 0.44
N GLN A 39 5.54 -4.22 1.00
CA GLN A 39 4.36 -3.41 1.31
C GLN A 39 4.01 -3.58 2.78
N LYS A 40 4.25 -2.52 3.54
CA LYS A 40 3.90 -2.46 4.95
C LYS A 40 2.43 -2.08 5.03
N SER A 41 1.73 -2.64 6.01
CA SER A 41 0.27 -2.48 6.11
C SER A 41 -0.13 -1.00 6.23
N GLY A 42 -1.09 -0.59 5.42
CA GLY A 42 -1.53 0.82 5.35
C GLY A 42 -0.72 1.71 4.42
N PHE A 43 0.25 1.15 3.70
CA PHE A 43 1.11 1.92 2.84
C PHE A 43 1.17 1.33 1.42
N SER A 44 1.72 2.11 0.50
N SER A 44 1.73 2.11 0.51
CA SER A 44 1.95 1.63 -0.84
CA SER A 44 1.97 1.64 -0.85
C SER A 44 3.14 0.66 -0.84
C SER A 44 3.16 0.67 -0.84
N PRO A 45 3.25 -0.19 -1.89
CA PRO A 45 4.48 -0.96 -2.05
C PRO A 45 5.68 -0.05 -2.28
N LYS A 46 6.86 -0.58 -1.97
CA LYS A 46 8.13 0.09 -2.20
C LYS A 46 9.08 -0.88 -2.84
N LEU A 47 9.89 -0.41 -3.77
CA LEU A 47 10.98 -1.22 -4.32
C LEU A 47 11.98 -1.59 -3.24
N LEU A 48 12.27 -2.88 -3.17
CA LEU A 48 13.22 -3.44 -2.21
C LEU A 48 14.50 -3.92 -2.89
N ILE A 49 14.36 -4.72 -3.94
CA ILE A 49 15.50 -5.33 -4.64
C ILE A 49 15.23 -5.24 -6.14
N TYR A 50 16.21 -4.77 -6.89
CA TYR A 50 16.12 -4.75 -8.35
C TYR A 50 17.17 -5.66 -8.96
N ARG A 51 16.82 -6.22 -10.12
CA ARG A 51 17.61 -7.19 -10.86
C ARG A 51 18.14 -8.28 -9.92
N THR A 52 17.21 -8.91 -9.21
CA THR A 52 17.45 -10.08 -8.36
C THR A 52 18.21 -9.86 -7.06
N SER A 53 19.27 -9.07 -7.08
CA SER A 53 20.22 -9.02 -5.98
C SER A 53 20.68 -7.62 -5.57
N ASN A 54 20.15 -6.55 -6.16
CA ASN A 54 20.63 -5.21 -5.86
C ASN A 54 19.65 -4.48 -4.95
N LEU A 55 20.13 -4.06 -3.79
CA LEU A 55 19.29 -3.35 -2.83
C LEU A 55 18.92 -1.97 -3.35
N ALA A 56 17.63 -1.63 -3.26
CA ALA A 56 17.18 -0.30 -3.64
C ALA A 56 17.62 0.73 -2.63
N SER A 57 17.47 2.00 -3.00
CA SER A 57 17.82 3.09 -2.09
C SER A 57 17.02 3.01 -0.79
N GLY A 58 17.71 3.27 0.32
CA GLY A 58 17.11 3.21 1.65
C GLY A 58 16.95 1.83 2.27
N VAL A 59 17.32 0.77 1.55
CA VAL A 59 17.10 -0.61 2.03
C VAL A 59 18.33 -1.04 2.84
N PRO A 60 18.12 -1.52 4.07
CA PRO A 60 19.26 -1.90 4.90
C PRO A 60 19.97 -3.16 4.45
N ALA A 61 21.23 -3.28 4.84
CA ALA A 61 22.13 -4.34 4.37
C ALA A 61 21.73 -5.77 4.78
N ARG A 62 20.82 -5.89 5.75
CA ARG A 62 20.33 -7.21 6.15
C ARG A 62 19.49 -7.91 5.06
N PHE A 63 19.01 -7.16 4.06
CA PHE A 63 18.32 -7.75 2.93
C PHE A 63 19.31 -8.21 1.86
N SER A 64 18.96 -9.29 1.18
CA SER A 64 19.70 -9.76 0.01
C SER A 64 18.78 -10.58 -0.85
N GLY A 65 19.21 -10.81 -2.09
CA GLY A 65 18.46 -11.61 -3.03
C GLY A 65 19.38 -12.43 -3.90
N SER A 66 18.89 -13.57 -4.36
N SER A 66 18.90 -13.57 -4.37
CA SER A 66 19.65 -14.48 -5.20
CA SER A 66 19.67 -14.41 -5.26
C SER A 66 18.70 -15.13 -6.19
C SER A 66 18.75 -15.24 -6.11
N GLY A 67 19.27 -15.72 -7.22
CA GLY A 67 18.52 -16.59 -8.13
C GLY A 67 18.89 -16.44 -9.57
N SER A 68 18.36 -17.38 -10.35
CA SER A 68 18.49 -17.37 -11.79
C SER A 68 17.47 -18.36 -12.32
N GLY A 69 17.25 -18.31 -13.63
CA GLY A 69 16.35 -19.26 -14.28
C GLY A 69 14.93 -19.09 -13.81
N THR A 70 14.41 -20.11 -13.14
CA THR A 70 13.05 -20.11 -12.59
C THR A 70 12.97 -19.94 -11.06
N SER A 71 14.12 -19.87 -10.38
N SER A 71 14.11 -19.91 -10.38
CA SER A 71 14.15 -19.93 -8.92
CA SER A 71 14.14 -19.93 -8.91
C SER A 71 14.86 -18.74 -8.32
C SER A 71 14.85 -18.71 -8.35
N TYR A 72 14.11 -17.93 -7.56
CA TYR A 72 14.60 -16.70 -6.95
C TYR A 72 14.27 -16.70 -5.45
N SER A 73 15.09 -16.01 -4.67
CA SER A 73 14.87 -15.91 -3.25
C SER A 73 15.24 -14.53 -2.73
N LEU A 74 14.64 -14.21 -1.59
CA LEU A 74 14.92 -13.00 -0.83
C LEU A 74 15.24 -13.47 0.58
N THR A 75 16.30 -12.93 1.15
CA THR A 75 16.71 -13.29 2.51
C THR A 75 16.84 -12.05 3.39
N ILE A 76 16.30 -12.14 4.60
CA ILE A 76 16.55 -11.16 5.66
C ILE A 76 17.51 -11.83 6.63
N GLY A 77 18.70 -11.28 6.79
CA GLY A 77 19.75 -11.93 7.56
C GLY A 77 19.47 -11.96 9.06
N THR A 78 18.69 -10.98 9.52
CA THR A 78 18.28 -10.89 10.91
C THR A 78 16.91 -10.21 10.96
N MET A 79 15.86 -10.97 11.26
CA MET A 79 14.49 -10.43 11.24
C MET A 79 14.33 -9.33 12.29
N GLU A 80 13.86 -8.16 11.88
N GLU A 80 13.89 -8.15 11.87
CA GLU A 80 13.59 -7.07 12.80
CA GLU A 80 13.61 -7.03 12.77
C GLU A 80 12.12 -6.74 12.82
C GLU A 80 12.11 -6.77 12.83
N ALA A 81 11.67 -6.12 13.92
CA ALA A 81 10.25 -5.78 14.10
C ALA A 81 9.67 -4.97 12.94
N GLU A 82 10.47 -4.06 12.39
CA GLU A 82 10.02 -3.23 11.26
C GLU A 82 9.93 -3.95 9.91
N ASP A 83 10.40 -5.20 9.84
CA ASP A 83 10.34 -5.99 8.61
C ASP A 83 9.03 -6.73 8.37
N VAL A 84 8.08 -6.62 9.31
N VAL A 84 8.08 -6.62 9.31
CA VAL A 84 6.76 -7.19 9.13
CA VAL A 84 6.75 -7.20 9.13
C VAL A 84 6.08 -6.45 7.98
C VAL A 84 6.06 -6.46 7.99
N ALA A 85 5.67 -7.22 6.97
CA ALA A 85 5.21 -6.67 5.69
C ALA A 85 4.86 -7.83 4.80
N THR A 86 4.24 -7.51 3.67
CA THR A 86 4.07 -8.46 2.60
C THR A 86 5.12 -8.16 1.53
N TYR A 87 5.75 -9.23 1.03
CA TYR A 87 6.85 -9.16 0.09
C TYR A 87 6.40 -9.78 -1.21
N TYR A 88 6.56 -9.03 -2.31
CA TYR A 88 6.14 -9.47 -3.65
C TYR A 88 7.32 -9.56 -4.59
N CYS A 89 7.39 -10.64 -5.35
CA CYS A 89 8.29 -10.69 -6.50
C CYS A 89 7.51 -10.26 -7.74
N GLN A 90 8.25 -9.85 -8.75
CA GLN A 90 7.66 -9.30 -9.98
C GLN A 90 8.62 -9.54 -11.11
N GLN A 91 8.10 -10.02 -12.25
CA GLN A 91 8.91 -10.22 -13.45
C GLN A 91 8.57 -9.22 -14.55
N GLY A 92 9.61 -8.76 -15.25
CA GLY A 92 9.46 -7.91 -16.41
C GLY A 92 10.07 -8.47 -17.67
N SER A 93 10.29 -9.78 -17.68
CA SER A 93 10.86 -10.47 -18.83
C SER A 93 9.87 -10.57 -19.99
N SER A 94 8.64 -10.93 -19.70
N SER A 94 8.63 -10.91 -19.65
CA SER A 94 7.63 -11.04 -20.74
CA SER A 94 7.56 -11.18 -20.61
C SER A 94 6.36 -10.32 -20.35
C SER A 94 6.35 -10.29 -20.33
N LEU A 95 5.68 -9.83 -21.37
CA LEU A 95 4.39 -9.17 -21.23
C LEU A 95 3.30 -10.24 -21.23
N PRO A 96 2.28 -10.13 -20.39
CA PRO A 96 2.13 -9.05 -19.42
C PRO A 96 3.06 -9.18 -18.22
N LEU A 97 3.46 -8.03 -17.69
CA LEU A 97 4.22 -7.98 -16.45
C LEU A 97 3.35 -8.58 -15.35
N THR A 98 3.97 -9.39 -14.47
CA THR A 98 3.22 -10.09 -13.44
C THR A 98 3.92 -10.04 -12.08
N PHE A 99 3.10 -10.17 -11.04
CA PHE A 99 3.56 -10.22 -9.64
C PHE A 99 3.19 -11.57 -9.06
N GLY A 100 3.98 -12.02 -8.10
CA GLY A 100 3.56 -13.13 -7.25
C GLY A 100 2.46 -12.68 -6.31
N ALA A 101 1.85 -13.64 -5.63
CA ALA A 101 0.72 -13.38 -4.73
C ALA A 101 1.13 -12.79 -3.37
N GLY A 102 2.43 -12.77 -3.08
CA GLY A 102 2.93 -12.16 -1.86
C GLY A 102 3.20 -13.19 -0.78
N THR A 103 4.21 -12.91 0.03
CA THR A 103 4.49 -13.66 1.26
C THR A 103 4.38 -12.67 2.40
N LYS A 104 3.53 -12.99 3.37
CA LYS A 104 3.33 -12.14 4.53
C LYS A 104 4.24 -12.60 5.66
N LEU A 105 5.18 -11.75 6.05
N LEU A 105 5.12 -11.70 6.10
CA LEU A 105 6.12 -12.06 7.12
CA LEU A 105 6.02 -11.96 7.24
C LEU A 105 5.72 -11.33 8.39
C LEU A 105 5.48 -11.42 8.56
N GLU A 106 5.53 -12.10 9.45
N GLU A 106 5.42 -12.30 9.54
CA GLU A 106 5.26 -11.57 10.77
CA GLU A 106 5.08 -11.97 10.92
C GLU A 106 6.38 -12.00 11.70
C GLU A 106 6.36 -12.10 11.74
N ILE A 107 6.41 -11.41 12.90
CA ILE A 107 7.50 -11.62 13.83
C ILE A 107 6.96 -12.21 15.12
N LYS A 108 7.68 -13.19 15.66
CA LYS A 108 7.38 -13.70 16.98
C LYS A 108 7.86 -12.70 18.03
N ARG A 109 7.25 -12.76 19.18
CA ARG A 109 7.72 -12.01 20.32
C ARG A 109 7.22 -12.75 21.52
N THR A 110 7.60 -12.29 22.70
CA THR A 110 7.14 -12.90 23.93
C THR A 110 5.62 -12.77 24.01
N VAL A 111 4.99 -13.75 24.63
CA VAL A 111 3.54 -13.73 24.83
C VAL A 111 3.19 -12.47 25.63
N ALA A 112 2.18 -11.74 25.17
CA ALA A 112 1.68 -10.54 25.83
C ALA A 112 0.17 -10.66 25.95
N ALA A 113 -0.35 -10.60 27.18
CA ALA A 113 -1.78 -10.64 27.40
C ALA A 113 -2.41 -9.34 26.95
N PRO A 114 -3.65 -9.41 26.46
CA PRO A 114 -4.32 -8.15 26.16
C PRO A 114 -4.67 -7.37 27.41
N SER A 115 -4.63 -6.04 27.28
CA SER A 115 -5.32 -5.16 28.22
C SER A 115 -6.72 -4.99 27.67
N VAL A 116 -7.74 -5.22 28.50
CA VAL A 116 -9.13 -5.25 28.04
C VAL A 116 -9.90 -4.04 28.58
N PHE A 117 -10.66 -3.38 27.70
CA PHE A 117 -11.41 -2.18 28.04
C PHE A 117 -12.80 -2.30 27.41
N ILE A 118 -13.83 -1.85 28.13
CA ILE A 118 -15.20 -1.86 27.61
C ILE A 118 -15.76 -0.45 27.64
N PHE A 119 -16.51 -0.11 26.59
CA PHE A 119 -17.08 1.20 26.40
C PHE A 119 -18.60 1.08 26.20
N PRO A 120 -19.39 1.79 27.01
N PRO A 120 -19.40 1.72 27.05
CA PRO A 120 -20.83 1.79 26.77
CA PRO A 120 -20.84 1.80 26.78
C PRO A 120 -21.14 2.67 25.56
C PRO A 120 -21.14 2.66 25.57
N PRO A 121 -22.37 2.55 25.01
CA PRO A 121 -22.77 3.48 23.98
C PRO A 121 -22.85 4.91 24.53
N SER A 122 -22.51 5.88 23.69
CA SER A 122 -22.61 7.29 24.03
C SER A 122 -24.07 7.72 24.11
N ASP A 123 -24.38 8.70 24.96
CA ASP A 123 -25.74 9.27 24.97
C ASP A 123 -26.11 9.88 23.63
N GLU A 124 -25.12 10.46 22.95
CA GLU A 124 -25.29 11.00 21.58
C GLU A 124 -25.82 9.95 20.61
N GLN A 125 -25.21 8.76 20.61
CA GLN A 125 -25.67 7.69 19.70
C GLN A 125 -27.06 7.17 20.10
N LEU A 126 -27.33 7.06 21.39
CA LEU A 126 -28.64 6.56 21.84
C LEU A 126 -29.81 7.41 21.35
N LYS A 127 -29.61 8.72 21.21
CA LYS A 127 -30.61 9.63 20.65
C LYS A 127 -31.18 9.20 19.30
N SER A 128 -30.36 8.55 18.46
CA SER A 128 -30.76 8.14 17.10
C SER A 128 -31.18 6.66 16.95
N GLY A 129 -31.39 5.96 18.07
CA GLY A 129 -32.05 4.65 18.06
C GLY A 129 -31.21 3.39 18.04
N THR A 130 -29.89 3.53 18.06
CA THR A 130 -28.98 2.36 18.05
C THR A 130 -27.95 2.49 19.18
N ALA A 131 -27.49 1.34 19.67
CA ALA A 131 -26.49 1.26 20.71
C ALA A 131 -25.34 0.37 20.25
N SER A 132 -24.12 0.90 20.27
CA SER A 132 -22.92 0.14 19.97
C SER A 132 -22.12 0.03 21.26
N VAL A 133 -21.80 -1.19 21.67
CA VAL A 133 -20.96 -1.45 22.85
C VAL A 133 -19.64 -1.95 22.31
N VAL A 134 -18.53 -1.37 22.74
CA VAL A 134 -17.23 -1.69 22.19
C VAL A 134 -16.30 -2.28 23.23
N CYS A 135 -15.67 -3.39 22.88
N CYS A 135 -15.69 -3.41 22.90
CA CYS A 135 -14.69 -4.08 23.73
CA CYS A 135 -14.67 -4.03 23.72
C CYS A 135 -13.34 -4.06 23.01
C CYS A 135 -13.36 -3.95 22.98
N LEU A 136 -12.32 -3.50 23.67
CA LEU A 136 -10.99 -3.34 23.10
C LEU A 136 -10.04 -4.30 23.77
N LEU A 137 -9.32 -5.09 22.98
CA LEU A 137 -8.22 -5.92 23.44
C LEU A 137 -6.95 -5.28 22.91
N ASN A 138 -6.11 -4.73 23.78
CA ASN A 138 -5.01 -3.89 23.34
C ASN A 138 -3.66 -4.57 23.52
N ASN A 139 -2.85 -4.53 22.46
CA ASN A 139 -1.42 -4.85 22.50
C ASN A 139 -1.10 -6.26 23.03
N PHE A 140 -1.62 -7.24 22.31
CA PHE A 140 -1.45 -8.65 22.68
C PHE A 140 -0.68 -9.45 21.64
N TYR A 141 -0.14 -10.58 22.07
CA TYR A 141 0.55 -11.51 21.19
C TYR A 141 0.49 -12.91 21.82
N PRO A 142 0.19 -13.97 21.07
CA PRO A 142 -0.07 -14.00 19.63
C PRO A 142 -1.47 -13.50 19.23
N ARG A 143 -1.80 -13.57 17.95
CA ARG A 143 -3.04 -12.99 17.40
C ARG A 143 -4.31 -13.69 17.89
N GLU A 144 -4.20 -14.98 18.22
CA GLU A 144 -5.36 -15.80 18.53
C GLU A 144 -5.98 -15.37 19.85
N ALA A 145 -7.26 -15.04 19.79
CA ALA A 145 -8.01 -14.64 20.97
C ALA A 145 -9.48 -15.03 20.77
N LYS A 146 -10.16 -15.27 21.89
CA LYS A 146 -11.61 -15.50 21.88
C LYS A 146 -12.25 -14.35 22.65
N VAL A 147 -13.25 -13.72 22.04
CA VAL A 147 -14.04 -12.67 22.68
C VAL A 147 -15.49 -13.10 22.67
N GLN A 148 -16.09 -13.18 23.85
CA GLN A 148 -17.49 -13.57 24.01
C GLN A 148 -18.25 -12.45 24.70
N TRP A 149 -19.39 -12.05 24.13
CA TRP A 149 -20.27 -11.05 24.74
C TRP A 149 -21.37 -11.73 25.54
N LYS A 150 -21.67 -11.16 26.70
CA LYS A 150 -22.81 -11.59 27.49
C LYS A 150 -23.63 -10.37 27.89
N VAL A 151 -24.95 -10.51 27.79
CA VAL A 151 -25.89 -9.46 28.17
C VAL A 151 -26.83 -10.10 29.19
N ASP A 152 -26.86 -9.55 30.40
CA ASP A 152 -27.60 -10.14 31.54
C ASP A 152 -27.24 -11.63 31.73
N ASN A 153 -25.94 -11.91 31.57
CA ASN A 153 -25.37 -13.26 31.68
C ASN A 153 -25.79 -14.26 30.58
N ALA A 154 -26.40 -13.78 29.50
CA ALA A 154 -26.77 -14.63 28.37
C ALA A 154 -25.74 -14.46 27.26
N LEU A 155 -25.17 -15.57 26.79
CA LEU A 155 -24.18 -15.54 25.72
C LEU A 155 -24.83 -15.01 24.43
N GLN A 156 -24.17 -14.03 23.81
CA GLN A 156 -24.64 -13.43 22.57
C GLN A 156 -24.05 -14.15 21.37
N SER A 157 -24.81 -14.16 20.29
CA SER A 157 -24.35 -14.76 19.04
C SER A 157 -24.94 -13.99 17.88
N GLY A 158 -24.09 -13.64 16.92
CA GLY A 158 -24.53 -13.05 15.66
C GLY A 158 -24.63 -11.55 15.60
N ASN A 159 -24.49 -10.88 16.74
CA ASN A 159 -24.76 -9.43 16.88
C ASN A 159 -23.49 -8.61 17.19
N SER A 160 -22.34 -9.21 16.93
CA SER A 160 -21.06 -8.51 17.04
C SER A 160 -20.24 -8.62 15.75
N GLN A 161 -19.35 -7.65 15.55
CA GLN A 161 -18.35 -7.69 14.47
C GLN A 161 -16.98 -7.36 15.08
N GLU A 162 -15.94 -8.07 14.64
CA GLU A 162 -14.55 -7.93 15.11
C GLU A 162 -13.67 -7.32 14.01
N SER A 163 -12.64 -6.61 14.45
CA SER A 163 -11.65 -6.02 13.56
C SER A 163 -10.31 -6.08 14.28
N VAL A 164 -9.24 -6.42 13.56
CA VAL A 164 -7.91 -6.59 14.16
C VAL A 164 -6.89 -5.78 13.39
N THR A 165 -5.98 -5.13 14.09
CA THR A 165 -4.91 -4.41 13.42
C THR A 165 -3.86 -5.37 12.91
N GLU A 166 -3.05 -4.89 12.00
CA GLU A 166 -1.88 -5.63 11.58
C GLU A 166 -0.81 -5.47 12.66
N GLN A 167 0.14 -6.38 12.64
CA GLN A 167 1.16 -6.43 13.68
C GLN A 167 1.93 -5.12 13.76
N ASP A 168 2.08 -4.59 14.97
CA ASP A 168 2.69 -3.28 15.16
C ASP A 168 4.18 -3.32 14.80
N SER A 169 4.64 -2.31 14.05
N SER A 169 4.64 -2.31 14.05
CA SER A 169 6.02 -2.28 13.55
CA SER A 169 6.01 -2.27 13.54
C SER A 169 7.07 -2.07 14.63
C SER A 169 7.08 -2.03 14.62
N LYS A 170 6.66 -1.57 15.80
CA LYS A 170 7.57 -1.30 16.92
C LYS A 170 7.53 -2.39 18.00
N ASP A 171 6.35 -2.67 18.56
CA ASP A 171 6.22 -3.65 19.65
C ASP A 171 5.72 -5.04 19.25
N SER A 172 5.40 -5.22 17.98
CA SER A 172 5.03 -6.54 17.43
C SER A 172 3.75 -7.16 18.00
N THR A 173 2.85 -6.31 18.50
CA THR A 173 1.58 -6.76 19.05
C THR A 173 0.43 -6.50 18.09
N TYR A 174 -0.72 -7.10 18.41
CA TYR A 174 -1.98 -6.88 17.74
C TYR A 174 -2.92 -6.19 18.70
N SER A 175 -3.92 -5.51 18.14
CA SER A 175 -5.06 -5.03 18.92
C SER A 175 -6.33 -5.42 18.19
N LEU A 176 -7.42 -5.53 18.93
CA LEU A 176 -8.67 -6.04 18.39
C LEU A 176 -9.82 -5.25 18.99
N SER A 177 -10.76 -4.85 18.13
N SER A 177 -10.81 -4.91 18.15
CA SER A 177 -12.04 -4.31 18.59
CA SER A 177 -12.01 -4.19 18.58
C SER A 177 -13.12 -5.33 18.33
C SER A 177 -13.24 -5.03 18.23
N SER A 178 -14.10 -5.35 19.23
CA SER A 178 -15.32 -6.14 19.04
C SER A 178 -16.48 -5.20 19.34
N THR A 179 -17.41 -5.06 18.43
CA THR A 179 -18.52 -4.13 18.59
C THR A 179 -19.82 -4.91 18.60
N LEU A 180 -20.55 -4.81 19.71
CA LEU A 180 -21.88 -5.41 19.89
C LEU A 180 -22.91 -4.36 19.50
N THR A 181 -23.81 -4.71 18.59
CA THR A 181 -24.84 -3.78 18.12
C THR A 181 -26.25 -4.24 18.50
N LEU A 182 -27.00 -3.34 19.13
N LEU A 182 -27.00 -3.40 19.18
CA LEU A 182 -28.36 -3.59 19.61
CA LEU A 182 -28.42 -3.66 19.41
C LEU A 182 -29.19 -2.35 19.30
C LEU A 182 -29.21 -2.37 19.32
N SER A 183 -30.52 -2.51 19.22
CA SER A 183 -31.41 -1.36 19.18
C SER A 183 -31.38 -0.66 20.52
N LYS A 184 -31.68 0.64 20.53
CA LYS A 184 -31.81 1.39 21.77
C LYS A 184 -32.82 0.72 22.69
N ALA A 185 -33.95 0.29 22.12
CA ALA A 185 -34.99 -0.41 22.86
C ALA A 185 -34.46 -1.66 23.57
N ASP A 186 -33.70 -2.49 22.84
CA ASP A 186 -33.10 -3.69 23.44
C ASP A 186 -32.02 -3.34 24.47
N TYR A 187 -31.21 -2.32 24.19
CA TYR A 187 -30.17 -1.88 25.11
C TYR A 187 -30.77 -1.40 26.46
N GLU A 188 -31.85 -0.65 26.40
CA GLU A 188 -32.51 -0.15 27.62
C GLU A 188 -33.26 -1.23 28.41
N LYS A 189 -33.52 -2.38 27.79
CA LYS A 189 -34.16 -3.53 28.45
C LYS A 189 -33.22 -4.46 29.23
N HIS A 190 -31.91 -4.23 29.13
CA HIS A 190 -30.92 -5.07 29.83
C HIS A 190 -29.98 -4.21 30.65
N LYS A 191 -29.28 -4.85 31.58
CA LYS A 191 -28.46 -4.16 32.56
C LYS A 191 -26.96 -4.45 32.43
N VAL A 192 -26.58 -5.72 32.47
CA VAL A 192 -25.17 -6.12 32.55
C VAL A 192 -24.62 -6.43 31.17
N TYR A 193 -23.63 -5.65 30.75
CA TYR A 193 -22.96 -5.80 29.46
C TYR A 193 -21.52 -6.21 29.74
N ALA A 194 -21.15 -7.38 29.25
CA ALA A 194 -19.86 -7.99 29.60
C ALA A 194 -19.14 -8.53 28.36
N CYS A 195 -17.85 -8.26 28.25
N CYS A 195 -17.83 -8.34 28.37
CA CYS A 195 -17.04 -8.95 27.24
CA CYS A 195 -16.92 -8.81 27.35
C CYS A 195 -15.96 -9.76 27.95
C CYS A 195 -15.94 -9.77 28.02
N GLU A 196 -15.91 -11.04 27.60
CA GLU A 196 -15.05 -12.03 28.22
C GLU A 196 -13.98 -12.41 27.20
N VAL A 197 -12.73 -12.36 27.63
CA VAL A 197 -11.59 -12.51 26.75
C VAL A 197 -10.75 -13.70 27.18
N THR A 198 -10.47 -14.58 26.21
CA THR A 198 -9.57 -15.74 26.42
C THR A 198 -8.35 -15.57 25.53
N HIS A 199 -7.18 -15.73 26.12
CA HIS A 199 -5.92 -15.55 25.40
C HIS A 199 -4.83 -16.27 26.19
N GLN A 200 -3.84 -16.80 25.49
CA GLN A 200 -2.85 -17.66 26.17
C GLN A 200 -1.96 -16.92 27.19
N GLY A 201 -1.82 -15.60 27.05
CA GLY A 201 -1.24 -14.74 28.08
C GLY A 201 -2.01 -14.55 29.39
N LEU A 202 -3.28 -14.95 29.43
CA LEU A 202 -4.12 -14.87 30.63
C LEU A 202 -4.27 -16.26 31.24
N SER A 203 -4.07 -16.36 32.54
CA SER A 203 -4.16 -17.67 33.21
C SER A 203 -5.59 -18.19 33.23
N SER A 204 -6.57 -17.27 33.25
CA SER A 204 -7.97 -17.61 33.02
C SER A 204 -8.67 -16.45 32.29
N PRO A 205 -9.87 -16.69 31.74
CA PRO A 205 -10.47 -15.60 30.97
C PRO A 205 -10.76 -14.34 31.79
N VAL A 206 -10.61 -13.18 31.15
CA VAL A 206 -10.83 -11.89 31.81
C VAL A 206 -12.17 -11.35 31.33
N THR A 207 -13.00 -10.91 32.27
CA THR A 207 -14.27 -10.27 31.94
C THR A 207 -14.25 -8.80 32.36
N LYS A 208 -14.59 -7.92 31.43
CA LYS A 208 -14.84 -6.51 31.73
C LYS A 208 -16.32 -6.26 31.47
N SER A 209 -16.96 -5.54 32.39
CA SER A 209 -18.38 -5.31 32.29
C SER A 209 -18.78 -3.96 32.82
N PHE A 210 -19.97 -3.54 32.44
CA PHE A 210 -20.63 -2.41 33.09
C PHE A 210 -22.12 -2.69 33.25
N ASN A 211 -22.73 -1.98 34.19
CA ASN A 211 -24.17 -1.99 34.36
C ASN A 211 -24.75 -0.71 33.79
N ARG A 212 -25.65 -0.83 32.81
CA ARG A 212 -26.31 0.33 32.24
C ARG A 212 -27.03 1.13 33.33
N GLY A 213 -26.84 2.44 33.32
CA GLY A 213 -27.54 3.34 34.25
C GLY A 213 -26.86 3.52 35.60
N GLU A 214 -25.67 2.94 35.79
CA GLU A 214 -24.96 3.01 37.07
C GLU A 214 -23.68 3.81 36.94
N CYS A 215 -23.30 4.48 38.03
CA CYS A 215 -22.02 5.19 38.10
C CYS A 215 -20.88 4.20 38.31
N THR B 1 27.79 24.50 -26.69
N THR B 1 27.34 24.52 -26.42
CA THR B 1 27.13 23.17 -26.64
CA THR B 1 26.92 23.12 -26.60
C THR B 1 26.49 22.82 -28.00
C THR B 1 26.59 22.85 -28.06
N VAL B 2 26.65 21.56 -28.43
CA VAL B 2 26.13 21.10 -29.72
C VAL B 2 25.31 19.85 -29.39
N PRO B 3 24.02 19.85 -29.74
CA PRO B 3 23.15 18.73 -29.37
C PRO B 3 23.43 17.51 -30.22
N PRO B 4 23.33 16.31 -29.62
CA PRO B 4 23.54 15.12 -30.42
C PRO B 4 22.46 14.88 -31.45
N MET B 5 22.86 14.35 -32.59
CA MET B 5 21.95 13.73 -33.54
C MET B 5 21.83 12.26 -33.14
N VAL B 6 20.61 11.83 -32.84
CA VAL B 6 20.35 10.46 -32.35
C VAL B 6 19.66 9.67 -33.43
N ASN B 7 20.23 8.51 -33.77
CA ASN B 7 19.67 7.61 -34.78
C ASN B 7 19.70 6.20 -34.25
N VAL B 8 18.57 5.52 -34.38
CA VAL B 8 18.44 4.14 -33.98
C VAL B 8 18.32 3.26 -35.23
N THR B 9 19.07 2.16 -35.22
CA THR B 9 19.03 1.21 -36.33
C THR B 9 18.76 -0.20 -35.84
N ARG B 10 18.00 -0.96 -36.64
CA ARG B 10 17.66 -2.36 -36.35
C ARG B 10 18.42 -3.20 -37.37
N SER B 11 19.17 -4.20 -36.90
CA SER B 11 19.84 -5.17 -37.78
C SER B 11 19.53 -6.59 -37.33
N ILE B 18 18.26 -10.06 -33.34
CA ILE B 18 18.18 -8.65 -33.72
C ILE B 18 19.09 -7.82 -32.82
N THR B 19 19.95 -6.99 -33.41
CA THR B 19 20.75 -6.01 -32.68
C THR B 19 20.14 -4.65 -32.96
N VAL B 20 19.86 -3.89 -31.91
CA VAL B 20 19.41 -2.51 -32.05
C VAL B 20 20.55 -1.64 -31.56
N THR B 21 20.89 -0.61 -32.34
CA THR B 21 22.02 0.27 -32.06
C THR B 21 21.53 1.70 -32.02
N CYS B 22 21.89 2.42 -30.97
N CYS B 22 21.90 2.39 -30.94
CA CYS B 22 21.52 3.82 -30.83
CA CYS B 22 21.63 3.81 -30.77
C CYS B 22 22.80 4.66 -30.92
C CYS B 22 22.90 4.57 -31.00
N ARG B 23 22.89 5.48 -31.96
CA ARG B 23 24.08 6.28 -32.26
C ARG B 23 23.79 7.72 -31.90
N ALA B 24 24.72 8.33 -31.19
CA ALA B 24 24.66 9.78 -30.92
C ALA B 24 25.88 10.41 -31.58
N SER B 25 25.64 11.37 -32.45
N SER B 25 25.68 11.38 -32.45
CA SER B 25 26.69 11.96 -33.26
CA SER B 25 26.78 12.00 -33.19
C SER B 25 26.71 13.46 -33.14
C SER B 25 26.78 13.51 -33.16
N SER B 26 27.88 14.03 -33.41
N SER B 26 27.93 14.06 -33.56
CA SER B 26 28.04 15.47 -33.60
CA SER B 26 28.19 15.51 -33.56
C SER B 26 27.75 16.32 -32.35
C SER B 26 27.63 16.23 -32.35
N PHE B 27 28.05 15.78 -31.17
CA PHE B 27 27.72 16.47 -29.90
C PHE B 27 28.93 17.04 -29.20
N TYR B 28 28.68 18.05 -28.37
CA TYR B 28 29.71 18.69 -27.57
C TYR B 28 29.03 19.31 -26.34
N PRO B 29 29.57 19.16 -25.13
CA PRO B 29 30.83 18.48 -24.82
C PRO B 29 30.68 16.96 -24.79
N ARG B 30 31.78 16.27 -24.46
CA ARG B 30 31.84 14.81 -24.60
C ARG B 30 30.98 14.03 -23.60
N ASN B 31 30.56 14.66 -22.52
CA ASN B 31 29.84 14.00 -21.44
C ASN B 31 28.44 13.69 -21.96
N ILE B 32 28.02 12.43 -21.91
CA ILE B 32 26.69 12.04 -22.39
C ILE B 32 26.24 10.77 -21.68
N ILE B 33 24.93 10.64 -21.52
N ILE B 33 24.92 10.62 -21.53
CA ILE B 33 24.30 9.41 -21.04
CA ILE B 33 24.31 9.40 -21.03
C ILE B 33 23.49 8.82 -22.18
C ILE B 33 23.49 8.81 -22.16
N LEU B 34 23.71 7.53 -22.45
CA LEU B 34 22.97 6.81 -23.47
C LEU B 34 22.69 5.45 -22.87
N THR B 35 21.47 4.94 -23.04
CA THR B 35 21.17 3.59 -22.59
C THR B 35 19.92 3.08 -23.26
N TRP B 36 19.88 1.76 -23.45
CA TRP B 36 18.67 1.07 -23.83
C TRP B 36 17.80 0.86 -22.60
N ARG B 37 16.50 0.83 -22.87
CA ARG B 37 15.48 0.52 -21.88
C ARG B 37 14.52 -0.50 -22.44
N GLN B 38 14.03 -1.39 -21.58
CA GLN B 38 12.95 -2.32 -21.91
C GLN B 38 11.76 -1.92 -21.05
N ASP B 39 10.64 -1.55 -21.68
CA ASP B 39 9.46 -1.02 -20.98
C ASP B 39 9.81 0.15 -20.07
N GLY B 40 10.79 0.96 -20.48
CA GLY B 40 11.24 2.09 -19.67
C GLY B 40 12.31 1.79 -18.63
N VAL B 41 12.58 0.51 -18.40
CA VAL B 41 13.54 0.08 -17.37
C VAL B 41 14.93 0.07 -17.99
N SER B 42 15.84 0.84 -17.43
CA SER B 42 17.19 0.95 -17.99
C SER B 42 17.92 -0.39 -17.84
N LEU B 43 18.47 -0.89 -18.96
CA LEU B 43 19.25 -2.13 -18.93
C LEU B 43 20.54 -1.94 -18.15
N SER B 44 21.01 -3.02 -17.55
CA SER B 44 22.35 -3.02 -16.94
C SER B 44 23.42 -2.71 -17.97
N HIS B 45 24.55 -2.19 -17.53
N HIS B 45 24.55 -2.19 -17.52
CA HIS B 45 25.67 -1.90 -18.44
CA HIS B 45 25.69 -1.92 -18.40
C HIS B 45 26.19 -3.18 -19.12
C HIS B 45 26.16 -3.19 -19.11
N ASP B 46 26.19 -4.30 -18.38
CA ASP B 46 26.73 -5.57 -18.89
C ASP B 46 25.85 -6.39 -19.83
N THR B 47 24.64 -5.90 -20.15
CA THR B 47 23.80 -6.52 -21.18
C THR B 47 23.67 -5.61 -22.42
N GLN B 48 24.55 -4.62 -22.51
CA GLN B 48 24.67 -3.75 -23.67
C GLN B 48 26.11 -3.72 -24.14
N GLN B 49 26.31 -3.30 -25.40
CA GLN B 49 27.62 -3.16 -25.99
C GLN B 49 27.85 -1.69 -26.22
N TRP B 50 29.03 -1.20 -25.89
CA TRP B 50 29.28 0.23 -25.74
C TRP B 50 30.38 0.72 -26.65
N GLY B 51 30.09 1.79 -27.38
CA GLY B 51 31.11 2.50 -28.10
C GLY B 51 31.88 3.40 -27.18
N ASP B 52 33.12 3.72 -27.58
N ASP B 52 33.10 3.73 -27.60
CA ASP B 52 33.86 4.79 -26.95
CA ASP B 52 33.87 4.79 -26.98
C ASP B 52 33.23 6.11 -27.35
C ASP B 52 33.24 6.12 -27.37
N VAL B 53 33.62 7.18 -26.67
CA VAL B 53 33.20 8.55 -27.02
C VAL B 53 34.40 9.15 -27.75
N LEU B 54 34.29 9.29 -29.07
CA LEU B 54 35.42 9.63 -29.92
C LEU B 54 35.23 10.98 -30.60
N PRO B 55 36.31 11.77 -30.72
CA PRO B 55 36.22 13.01 -31.49
C PRO B 55 36.05 12.72 -32.99
N ASP B 56 35.38 13.61 -33.70
CA ASP B 56 35.04 13.41 -35.11
C ASP B 56 35.77 14.31 -36.11
N GLY B 57 36.76 15.07 -35.65
CA GLY B 57 37.49 15.99 -36.55
C GLY B 57 36.80 17.30 -36.88
N ASN B 58 35.55 17.49 -36.43
CA ASN B 58 34.81 18.74 -36.61
C ASN B 58 34.55 19.41 -35.26
N GLY B 59 35.33 19.04 -34.24
CA GLY B 59 35.20 19.60 -32.91
C GLY B 59 34.12 19.00 -32.04
N THR B 60 33.46 17.93 -32.50
CA THR B 60 32.38 17.30 -31.76
C THR B 60 32.72 15.83 -31.54
N TYR B 61 31.79 15.08 -30.94
CA TYR B 61 32.02 13.71 -30.54
C TYR B 61 30.89 12.82 -31.02
N GLN B 62 31.17 11.52 -31.04
CA GLN B 62 30.17 10.51 -31.33
C GLN B 62 30.39 9.27 -30.48
N THR B 63 29.29 8.57 -30.26
CA THR B 63 29.31 7.30 -29.55
C THR B 63 28.07 6.48 -29.92
N TRP B 64 27.95 5.31 -29.32
CA TRP B 64 26.83 4.44 -29.58
C TRP B 64 26.66 3.43 -28.45
N VAL B 65 25.47 2.82 -28.40
CA VAL B 65 25.20 1.71 -27.51
C VAL B 65 24.26 0.75 -28.22
N ALA B 66 24.51 -0.55 -28.03
CA ALA B 66 23.71 -1.58 -28.70
C ALA B 66 23.25 -2.62 -27.70
N THR B 67 22.17 -3.31 -28.05
CA THR B 67 21.75 -4.46 -27.27
C THR B 67 21.05 -5.45 -28.20
N ARG B 68 21.05 -6.71 -27.80
CA ARG B 68 20.51 -7.79 -28.62
C ARG B 68 19.14 -8.18 -28.09
N ILE B 69 18.14 -8.23 -28.98
CA ILE B 69 16.76 -8.54 -28.61
C ILE B 69 16.18 -9.60 -29.52
N CYS B 70 15.02 -10.13 -29.12
CA CYS B 70 14.31 -11.13 -29.91
C CYS B 70 13.32 -10.47 -30.87
N ARG B 71 13.08 -11.13 -32.00
CA ARG B 71 12.07 -10.70 -32.97
C ARG B 71 10.71 -10.51 -32.28
N GLY B 72 10.05 -9.40 -32.59
CA GLY B 72 8.77 -9.06 -31.99
C GLY B 72 8.85 -8.23 -30.72
N GLU B 73 10.05 -8.08 -30.16
CA GLU B 73 10.23 -7.34 -28.91
C GLU B 73 10.55 -5.87 -29.13
N GLU B 74 10.67 -5.45 -30.38
CA GLU B 74 11.15 -4.10 -30.71
C GLU B 74 10.36 -2.98 -30.05
N GLN B 75 9.04 -3.11 -30.00
CA GLN B 75 8.18 -2.08 -29.42
C GLN B 75 8.42 -1.84 -27.92
N ARG B 76 9.05 -2.80 -27.24
CA ARG B 76 9.38 -2.63 -25.82
C ARG B 76 10.67 -1.85 -25.59
N PHE B 77 11.49 -1.67 -26.63
CA PHE B 77 12.83 -1.10 -26.47
C PHE B 77 12.92 0.34 -26.92
N THR B 78 13.56 1.17 -26.10
CA THR B 78 13.80 2.58 -26.43
C THR B 78 15.21 2.96 -26.03
N CYS B 79 15.77 3.95 -26.71
N CYS B 79 15.73 3.98 -26.74
CA CYS B 79 17.10 4.48 -26.37
CA CYS B 79 16.99 4.67 -26.47
C CYS B 79 16.92 5.84 -25.71
C CYS B 79 16.73 5.86 -25.62
N TYR B 80 17.41 5.97 -24.49
CA TYR B 80 17.35 7.21 -23.71
C TYR B 80 18.69 7.91 -23.76
N MET B 81 18.64 9.24 -23.90
N MET B 81 18.66 9.23 -23.85
CA MET B 81 19.81 10.10 -24.06
CA MET B 81 19.87 10.01 -23.90
C MET B 81 19.70 11.28 -23.10
C MET B 81 19.72 11.26 -23.10
N GLU B 82 20.80 11.64 -22.42
CA GLU B 82 20.88 12.91 -21.68
C GLU B 82 22.15 13.57 -22.10
N HIS B 83 22.07 14.87 -22.37
CA HIS B 83 23.24 15.63 -22.73
C HIS B 83 23.00 17.09 -22.41
N SER B 84 23.90 17.69 -21.64
CA SER B 84 23.86 19.13 -21.34
C SER B 84 22.51 19.64 -20.86
N GLY B 85 21.91 18.89 -19.95
CA GLY B 85 20.63 19.26 -19.36
C GLY B 85 19.40 18.96 -20.19
N ASN B 86 19.57 18.35 -21.37
CA ASN B 86 18.45 17.99 -22.25
C ASN B 86 18.38 16.48 -22.27
N HIS B 87 17.24 15.95 -22.68
CA HIS B 87 17.05 14.50 -22.80
C HIS B 87 16.06 14.17 -23.89
N SER B 88 16.09 12.92 -24.32
CA SER B 88 15.17 12.43 -25.33
C SER B 88 15.06 10.93 -25.24
N THR B 89 13.99 10.41 -25.80
CA THR B 89 13.73 8.99 -25.86
C THR B 89 13.37 8.65 -27.31
N HIS B 90 13.97 7.58 -27.83
N HIS B 90 13.98 7.60 -27.85
CA HIS B 90 13.81 7.17 -29.24
CA HIS B 90 13.76 7.19 -29.24
C HIS B 90 13.38 5.72 -29.32
C HIS B 90 13.37 5.73 -29.32
N PRO B 91 12.37 5.40 -30.15
CA PRO B 91 11.97 4.03 -30.35
C PRO B 91 12.87 3.35 -31.37
N VAL B 92 12.71 2.04 -31.49
CA VAL B 92 13.29 1.27 -32.58
C VAL B 92 12.39 1.55 -33.79
N PRO B 93 12.96 2.05 -34.90
CA PRO B 93 12.14 2.25 -36.10
C PRO B 93 11.52 0.96 -36.60
N SER B 94 10.37 1.09 -37.24
CA SER B 94 9.65 -0.05 -37.77
C SER B 94 9.26 0.23 -39.22
N ILE C 2 11.86 12.31 -5.28
CA ILE C 2 10.82 11.91 -6.29
C ILE C 2 9.48 11.65 -5.58
N GLN C 3 8.42 12.26 -6.10
CA GLN C 3 7.08 12.17 -5.51
C GLN C 3 6.06 11.96 -6.63
N LEU C 4 5.14 11.02 -6.40
CA LEU C 4 4.00 10.79 -7.28
C LEU C 4 2.75 11.01 -6.42
N GLN C 5 2.00 12.06 -6.73
N GLN C 5 1.99 12.06 -6.71
CA GLN C 5 0.84 12.47 -5.94
CA GLN C 5 0.84 12.43 -5.89
C GLN C 5 -0.44 12.20 -6.73
C GLN C 5 -0.44 12.23 -6.69
N GLN C 6 -1.28 11.28 -6.23
CA GLN C 6 -2.51 10.93 -6.91
C GLN C 6 -3.69 11.73 -6.43
N SER C 7 -4.72 11.77 -7.27
CA SER C 7 -6.01 12.36 -6.90
C SER C 7 -6.70 11.52 -5.84
N GLY C 8 -7.71 12.13 -5.24
CA GLY C 8 -8.36 11.57 -4.07
C GLY C 8 -9.29 10.41 -4.34
N PRO C 9 -9.88 9.85 -3.27
CA PRO C 9 -10.80 8.71 -3.42
C PRO C 9 -12.04 9.10 -4.21
N GLU C 10 -12.65 8.10 -4.85
N GLU C 10 -12.62 8.14 -4.93
CA GLU C 10 -13.77 8.31 -5.75
CA GLU C 10 -13.82 8.41 -5.72
C GLU C 10 -14.85 7.25 -5.56
C GLU C 10 -14.84 7.28 -5.66
N LEU C 11 -16.11 7.69 -5.54
CA LEU C 11 -17.26 6.81 -5.63
C LEU C 11 -17.86 7.08 -7.00
N VAL C 12 -18.02 6.03 -7.80
CA VAL C 12 -18.57 6.15 -9.14
C VAL C 12 -19.65 5.10 -9.35
N LYS C 13 -20.70 5.47 -10.09
CA LYS C 13 -21.81 4.58 -10.31
C LYS C 13 -21.44 3.51 -11.34
N PRO C 14 -21.98 2.29 -11.19
CA PRO C 14 -21.79 1.22 -12.16
C PRO C 14 -22.15 1.67 -13.58
N GLY C 15 -21.29 1.32 -14.53
CA GLY C 15 -21.49 1.66 -15.93
C GLY C 15 -20.90 2.99 -16.35
N ALA C 16 -20.49 3.83 -15.39
CA ALA C 16 -19.92 5.14 -15.67
C ALA C 16 -18.40 4.99 -15.82
N SER C 17 -17.69 6.11 -15.95
N SER C 17 -17.69 6.11 -15.93
CA SER C 17 -16.24 6.14 -16.10
CA SER C 17 -16.23 6.11 -16.07
C SER C 17 -15.62 7.01 -15.02
C SER C 17 -15.61 7.03 -15.04
N VAL C 18 -14.29 6.92 -14.90
CA VAL C 18 -13.53 7.76 -13.96
C VAL C 18 -12.14 8.02 -14.52
N LYS C 19 -11.57 9.16 -14.16
CA LYS C 19 -10.20 9.51 -14.54
C LYS C 19 -9.41 9.85 -13.28
N VAL C 20 -8.34 9.10 -13.05
CA VAL C 20 -7.48 9.27 -11.86
C VAL C 20 -6.19 9.91 -12.33
N SER C 21 -5.67 10.89 -11.58
CA SER C 21 -4.46 11.61 -11.96
C SER C 21 -3.28 11.25 -11.07
N CYS C 22 -2.09 11.48 -11.59
N CYS C 22 -2.08 11.49 -11.58
CA CYS C 22 -0.84 11.23 -10.89
CA CYS C 22 -0.82 11.19 -10.89
C CYS C 22 0.14 12.32 -11.27
C CYS C 22 0.20 12.28 -11.25
N LYS C 23 0.41 13.22 -10.34
CA LYS C 23 1.36 14.34 -10.56
C LYS C 23 2.75 13.92 -10.12
N ALA C 24 3.69 13.96 -11.07
CA ALA C 24 5.07 13.50 -10.85
C ALA C 24 6.00 14.68 -10.67
N SER C 25 6.78 14.65 -9.58
CA SER C 25 7.76 15.71 -9.31
C SER C 25 9.09 15.11 -8.85
N GLY C 26 10.13 15.93 -8.90
CA GLY C 26 11.48 15.53 -8.48
C GLY C 26 12.39 15.03 -9.59
N TYR C 27 11.88 14.99 -10.83
CA TYR C 27 12.66 14.58 -12.00
C TYR C 27 11.95 15.15 -13.22
N ALA C 28 12.59 15.08 -14.38
CA ALA C 28 12.02 15.61 -15.63
C ALA C 28 10.90 14.69 -16.09
N PHE C 29 9.69 15.22 -16.13
CA PHE C 29 8.48 14.42 -16.36
C PHE C 29 8.59 13.47 -17.55
N THR C 30 9.11 13.95 -18.67
CA THR C 30 9.17 13.14 -19.88
C THR C 30 10.35 12.17 -19.96
N SER C 31 11.16 12.06 -18.90
CA SER C 31 12.36 11.23 -18.92
C SER C 31 12.16 9.78 -18.45
N GLN C 32 10.98 9.44 -17.92
CA GLN C 32 10.72 8.10 -17.38
C GLN C 32 9.29 7.68 -17.64
N ASN C 33 9.07 6.38 -17.75
CA ASN C 33 7.71 5.85 -17.96
C ASN C 33 6.88 5.93 -16.69
N ILE C 34 5.59 6.19 -16.86
CA ILE C 34 4.62 6.06 -15.78
C ILE C 34 3.85 4.75 -15.95
N TYR C 35 3.68 4.06 -14.83
CA TYR C 35 3.00 2.78 -14.75
C TYR C 35 1.73 2.90 -13.90
N TRP C 36 0.78 2.01 -14.12
CA TRP C 36 -0.40 1.90 -13.28
C TRP C 36 -0.62 0.47 -12.84
N VAL C 37 -1.03 0.32 -11.57
CA VAL C 37 -1.20 -0.96 -10.89
C VAL C 37 -2.55 -0.95 -10.16
N LYS C 38 -3.23 -2.10 -10.19
CA LYS C 38 -4.46 -2.31 -9.44
C LYS C 38 -4.20 -3.24 -8.27
N GLN C 39 -4.75 -2.90 -7.10
CA GLN C 39 -4.75 -3.81 -5.95
C GLN C 39 -6.16 -3.88 -5.36
N SER C 40 -6.82 -5.00 -5.57
CA SER C 40 -8.12 -5.24 -4.95
C SER C 40 -7.92 -5.51 -3.48
N HIS C 41 -8.95 -5.25 -2.67
CA HIS C 41 -8.81 -5.36 -1.22
C HIS C 41 -8.41 -6.77 -0.82
N GLY C 42 -7.32 -6.87 -0.05
CA GLY C 42 -6.79 -8.15 0.41
C GLY C 42 -6.09 -9.00 -0.65
N LYS C 43 -5.82 -8.42 -1.81
CA LYS C 43 -5.33 -9.17 -2.97
C LYS C 43 -3.96 -8.67 -3.42
N SER C 44 -3.44 -9.32 -4.45
CA SER C 44 -2.13 -9.01 -4.97
C SER C 44 -2.18 -7.83 -5.92
N LEU C 45 -1.01 -7.50 -6.44
CA LEU C 45 -0.80 -6.40 -7.35
C LEU C 45 -0.97 -6.87 -8.79
N GLU C 46 -1.63 -6.05 -9.60
CA GLU C 46 -1.88 -6.37 -11.00
C GLU C 46 -1.43 -5.22 -11.90
N TRP C 47 -0.57 -5.50 -12.87
CA TRP C 47 -0.12 -4.46 -13.81
C TRP C 47 -1.21 -4.11 -14.82
N ILE C 48 -1.53 -2.82 -14.94
CA ILE C 48 -2.54 -2.35 -15.89
C ILE C 48 -1.90 -1.93 -17.22
N GLY C 49 -0.89 -1.06 -17.13
CA GLY C 49 -0.25 -0.55 -18.32
C GLY C 49 0.85 0.42 -17.95
N TYR C 50 1.58 0.89 -18.96
CA TYR C 50 2.52 2.00 -18.78
C TYR C 50 2.45 2.93 -19.97
N ILE C 51 2.98 4.13 -19.80
CA ILE C 51 3.06 5.10 -20.88
C ILE C 51 4.44 5.74 -20.90
N GLU C 52 4.99 5.82 -22.10
CA GLU C 52 6.25 6.50 -22.36
C GLU C 52 5.87 7.96 -22.70
N PRO C 53 6.11 8.90 -21.76
CA PRO C 53 5.55 10.26 -21.92
C PRO C 53 6.20 11.16 -22.96
N TYR C 54 7.44 10.88 -23.36
CA TYR C 54 8.15 11.72 -24.33
C TYR C 54 7.47 11.70 -25.69
N ASN C 55 7.30 10.51 -26.25
CA ASN C 55 6.57 10.32 -27.51
C ASN C 55 5.11 9.95 -27.34
N VAL C 56 4.69 9.71 -26.10
CA VAL C 56 3.30 9.42 -25.74
C VAL C 56 2.86 8.08 -26.34
N VAL C 57 3.47 7.01 -25.86
CA VAL C 57 3.26 5.66 -26.37
C VAL C 57 2.90 4.74 -25.21
N PRO C 58 1.62 4.33 -25.12
CA PRO C 58 1.20 3.44 -24.05
C PRO C 58 1.34 1.97 -24.42
N MET C 59 1.44 1.13 -23.39
CA MET C 59 1.34 -0.33 -23.51
C MET C 59 0.37 -0.81 -22.44
N TYR C 60 -0.51 -1.73 -22.81
CA TYR C 60 -1.57 -2.24 -21.93
C TYR C 60 -1.48 -3.74 -21.69
N ASN C 61 -1.80 -4.16 -20.48
CA ASN C 61 -2.09 -5.55 -20.17
C ASN C 61 -3.39 -5.88 -20.93
N PRO C 62 -3.39 -6.95 -21.76
CA PRO C 62 -4.62 -7.35 -22.46
C PRO C 62 -5.84 -7.57 -21.55
N LYS C 63 -5.63 -7.92 -20.28
CA LYS C 63 -6.71 -7.91 -19.28
C LYS C 63 -7.44 -6.55 -19.15
N PHE C 64 -6.75 -5.45 -19.46
CA PHE C 64 -7.30 -4.09 -19.36
C PHE C 64 -7.45 -3.32 -20.70
N LYS C 65 -7.19 -3.97 -21.83
CA LYS C 65 -7.49 -3.38 -23.15
C LYS C 65 -8.99 -3.08 -23.28
N GLY C 66 -9.33 -1.85 -23.63
CA GLY C 66 -10.72 -1.43 -23.71
C GLY C 66 -11.38 -1.07 -22.39
N LYS C 67 -10.69 -1.30 -21.26
CA LYS C 67 -11.10 -0.83 -19.94
C LYS C 67 -10.34 0.44 -19.59
N ALA C 68 -9.01 0.40 -19.70
CA ALA C 68 -8.13 1.48 -19.29
C ALA C 68 -7.56 2.24 -20.47
N THR C 69 -7.48 3.57 -20.35
CA THR C 69 -6.80 4.43 -21.32
C THR C 69 -5.82 5.34 -20.58
N LEU C 70 -4.56 5.33 -21.02
CA LEU C 70 -3.51 6.13 -20.38
C LEU C 70 -3.18 7.37 -21.19
N THR C 71 -3.08 8.50 -20.52
CA THR C 71 -2.68 9.76 -21.14
C THR C 71 -1.72 10.54 -20.22
N VAL C 72 -1.12 11.60 -20.77
CA VAL C 72 -0.24 12.48 -20.00
C VAL C 72 -0.57 13.95 -20.33
N ASP C 73 -0.17 14.86 -19.44
CA ASP C 73 -0.28 16.31 -19.69
C ASP C 73 0.92 17.06 -19.11
N LYS C 74 1.64 17.79 -19.96
CA LYS C 74 2.90 18.46 -19.58
C LYS C 74 2.70 19.68 -18.66
N SER C 75 1.65 20.47 -18.89
CA SER C 75 1.39 21.65 -18.05
C SER C 75 1.10 21.31 -16.57
N SER C 76 0.52 20.13 -16.34
CA SER C 76 0.28 19.64 -14.98
C SER C 76 1.30 18.63 -14.45
N SER C 77 2.30 18.27 -15.26
N SER C 77 2.32 18.29 -15.26
CA SER C 77 3.31 17.27 -14.92
CA SER C 77 3.32 17.26 -14.94
C SER C 77 2.66 15.98 -14.43
C SER C 77 2.66 15.98 -14.43
N SER C 78 1.61 15.56 -15.13
CA SER C 78 0.74 14.49 -14.66
C SER C 78 0.42 13.44 -15.70
N ALA C 79 0.23 12.22 -15.22
CA ALA C 79 -0.28 11.09 -15.99
C ALA C 79 -1.68 10.79 -15.52
N TYR C 80 -2.49 10.19 -16.40
CA TYR C 80 -3.90 9.92 -16.11
C TYR C 80 -4.28 8.51 -16.52
N ILE C 81 -5.15 7.89 -15.75
CA ILE C 81 -5.77 6.62 -16.16
C ILE C 81 -7.29 6.83 -16.22
N HIS C 82 -7.88 6.53 -17.37
CA HIS C 82 -9.31 6.58 -17.56
C HIS C 82 -9.82 5.16 -17.56
N LEU C 83 -10.80 4.86 -16.71
CA LEU C 83 -11.41 3.53 -16.64
C LEU C 83 -12.86 3.66 -17.05
N ASN C 84 -13.30 2.86 -18.02
CA ASN C 84 -14.70 2.92 -18.49
C ASN C 84 -15.53 1.70 -18.08
N SER C 85 -16.84 1.79 -18.31
CA SER C 85 -17.78 0.67 -18.12
C SER C 85 -17.61 0.02 -16.74
N LEU C 86 -17.63 0.85 -15.71
CA LEU C 86 -17.21 0.40 -14.37
C LEU C 86 -18.17 -0.62 -13.74
N THR C 87 -17.59 -1.63 -13.09
CA THR C 87 -18.36 -2.63 -12.33
C THR C 87 -17.75 -2.77 -10.94
N SER C 88 -18.40 -3.55 -10.08
CA SER C 88 -17.91 -3.77 -8.72
C SER C 88 -16.52 -4.42 -8.69
N GLU C 89 -16.20 -5.21 -9.71
CA GLU C 89 -14.86 -5.78 -9.90
C GLU C 89 -13.76 -4.74 -10.07
N ASP C 90 -14.14 -3.53 -10.53
CA ASP C 90 -13.17 -2.44 -10.65
C ASP C 90 -12.91 -1.72 -9.33
N SER C 91 -13.68 -1.99 -8.26
CA SER C 91 -13.41 -1.38 -6.97
C SER C 91 -12.09 -1.92 -6.46
N ALA C 92 -11.17 -1.00 -6.15
CA ALA C 92 -9.79 -1.36 -5.82
C ALA C 92 -9.03 -0.11 -5.45
N ILE C 93 -7.81 -0.30 -4.95
CA ILE C 93 -6.86 0.78 -4.86
C ILE C 93 -6.02 0.76 -6.13
N TYR C 94 -5.88 1.92 -6.77
CA TYR C 94 -5.08 2.08 -7.99
C TYR C 94 -3.84 2.88 -7.66
N TYR C 95 -2.68 2.38 -8.07
CA TYR C 95 -1.40 3.06 -7.84
C TYR C 95 -0.78 3.48 -9.15
N CYS C 96 -0.26 4.70 -9.16
N CYS C 96 -0.26 4.69 -9.21
CA CYS C 96 0.68 5.20 -10.14
CA CYS C 96 0.69 5.01 -10.25
C CYS C 96 2.08 4.81 -9.68
C CYS C 96 2.07 4.77 -9.70
N ALA C 97 3.00 4.63 -10.62
CA ALA C 97 4.38 4.31 -10.29
C ALA C 97 5.26 4.76 -11.43
N ARG C 98 6.57 4.77 -11.20
CA ARG C 98 7.53 5.22 -12.19
C ARG C 98 8.65 4.18 -12.27
N SER C 99 9.01 3.77 -13.48
CA SER C 99 10.09 2.81 -13.67
C SER C 99 11.47 3.48 -13.56
N GLY C 100 12.51 2.65 -13.55
CA GLY C 100 13.89 3.11 -13.47
C GLY C 100 14.79 1.89 -13.56
N SER C 101 15.33 1.45 -12.43
CA SER C 101 16.09 0.20 -12.37
C SER C 101 15.19 -1.03 -12.38
N SER C 102 13.95 -0.84 -11.92
CA SER C 102 12.89 -1.85 -11.98
C SER C 102 11.71 -1.28 -12.74
N ASN C 103 10.66 -2.08 -12.90
CA ASN C 103 9.43 -1.57 -13.52
C ASN C 103 8.68 -0.60 -12.61
N PHE C 104 8.93 -0.65 -11.29
CA PHE C 104 8.18 0.17 -10.33
C PHE C 104 9.11 0.73 -9.24
N ASP C 105 10.01 1.64 -9.63
CA ASP C 105 10.96 2.23 -8.67
C ASP C 105 10.32 3.10 -7.58
N TYR C 106 9.29 3.84 -7.97
CA TYR C 106 8.61 4.80 -7.10
C TYR C 106 7.11 4.61 -7.25
N TRP C 107 6.39 4.76 -6.15
CA TRP C 107 4.95 4.53 -6.13
C TRP C 107 4.23 5.73 -5.55
N GLY C 108 3.04 6.02 -6.09
CA GLY C 108 2.18 7.03 -5.49
C GLY C 108 1.48 6.48 -4.27
N GLN C 109 0.64 7.32 -3.65
CA GLN C 109 0.02 6.95 -2.37
C GLN C 109 -1.23 6.08 -2.52
N GLY C 110 -1.68 5.90 -3.75
CA GLY C 110 -2.87 5.09 -4.06
C GLY C 110 -4.12 5.94 -4.11
N THR C 111 -5.09 5.47 -4.90
CA THR C 111 -6.42 6.08 -5.01
C THR C 111 -7.44 4.97 -4.81
N THR C 112 -8.32 5.13 -3.82
CA THR C 112 -9.39 4.17 -3.55
C THR C 112 -10.60 4.49 -4.46
N LEU C 113 -10.93 3.56 -5.35
CA LEU C 113 -12.12 3.64 -6.20
C LEU C 113 -13.15 2.66 -5.70
N THR C 114 -14.35 3.17 -5.42
CA THR C 114 -15.51 2.34 -5.09
C THR C 114 -16.54 2.49 -6.19
N VAL C 115 -16.95 1.37 -6.79
CA VAL C 115 -18.00 1.36 -7.81
C VAL C 115 -19.26 0.84 -7.15
N SER C 116 -20.26 1.71 -7.01
CA SER C 116 -21.49 1.38 -6.31
C SER C 116 -22.56 2.41 -6.63
N SER C 117 -23.82 2.00 -6.57
CA SER C 117 -24.94 2.90 -6.77
C SER C 117 -25.41 3.58 -5.47
N ALA C 118 -24.90 3.14 -4.33
CA ALA C 118 -25.27 3.77 -3.05
C ALA C 118 -24.73 5.17 -2.96
N SER C 119 -25.44 6.02 -2.24
CA SER C 119 -25.04 7.42 -2.09
C SER C 119 -23.96 7.61 -1.04
N THR C 120 -23.14 8.64 -1.23
N THR C 120 -23.11 8.62 -1.23
CA THR C 120 -22.16 9.02 -0.25
CA THR C 120 -22.13 8.99 -0.22
C THR C 120 -22.85 9.44 1.05
C THR C 120 -22.86 9.41 1.04
N LYS C 121 -22.27 9.04 2.18
CA LYS C 121 -22.77 9.43 3.48
C LYS C 121 -21.56 9.63 4.38
N GLY C 122 -21.48 10.81 5.00
CA GLY C 122 -20.42 11.09 5.98
C GLY C 122 -20.67 10.38 7.31
N PRO C 123 -19.62 10.16 8.09
CA PRO C 123 -19.75 9.43 9.34
C PRO C 123 -20.40 10.23 10.46
N SER C 124 -21.05 9.52 11.37
CA SER C 124 -21.36 10.02 12.70
C SER C 124 -20.18 9.62 13.59
N VAL C 125 -19.73 10.55 14.43
CA VAL C 125 -18.56 10.30 15.29
C VAL C 125 -19.01 10.36 16.74
N PHE C 126 -18.87 9.24 17.43
CA PHE C 126 -19.31 9.10 18.82
C PHE C 126 -18.11 8.84 19.72
N PRO C 127 -18.12 9.40 20.94
CA PRO C 127 -17.01 9.16 21.84
C PRO C 127 -17.01 7.76 22.45
N LEU C 128 -15.82 7.21 22.64
CA LEU C 128 -15.61 6.01 23.43
C LEU C 128 -14.96 6.54 24.69
N ALA C 129 -15.80 6.82 25.68
CA ALA C 129 -15.43 7.61 26.84
C ALA C 129 -14.62 6.79 27.82
N PRO C 130 -13.46 7.31 28.29
CA PRO C 130 -12.73 6.59 29.32
C PRO C 130 -13.48 6.65 30.66
N SER C 131 -13.35 5.58 31.42
CA SER C 131 -13.99 5.44 32.71
C SER C 131 -13.22 4.36 33.45
N SER C 132 -13.69 4.01 34.65
N SER C 132 -13.67 4.00 34.66
CA SER C 132 -13.11 2.94 35.46
CA SER C 132 -13.00 2.97 35.44
C SER C 132 -13.15 1.60 34.75
C SER C 132 -13.13 1.58 34.81
N SER C 136 -6.88 0.16 33.13
CA SER C 136 -6.15 -1.11 33.22
C SER C 136 -4.68 -0.85 33.54
N GLY C 137 -4.29 -1.08 34.80
CA GLY C 137 -2.89 -0.96 35.19
C GLY C 137 -2.33 0.45 35.15
N GLY C 138 -3.16 1.44 35.47
CA GLY C 138 -2.74 2.85 35.40
C GLY C 138 -2.82 3.47 34.01
N THR C 139 -3.34 2.71 33.05
CA THR C 139 -3.54 3.17 31.68
C THR C 139 -5.04 3.29 31.41
N ALA C 140 -5.43 4.39 30.77
CA ALA C 140 -6.80 4.59 30.32
C ALA C 140 -6.86 4.43 28.82
N ALA C 141 -7.91 3.79 28.32
CA ALA C 141 -8.22 3.75 26.89
C ALA C 141 -9.42 4.66 26.60
N LEU C 142 -9.35 5.36 25.48
CA LEU C 142 -10.43 6.20 24.98
C LEU C 142 -10.40 6.16 23.46
N GLY C 143 -11.45 6.66 22.83
CA GLY C 143 -11.51 6.57 21.38
C GLY C 143 -12.68 7.29 20.75
N CYS C 144 -12.84 7.04 19.46
CA CYS C 144 -13.96 7.55 18.69
C CYS C 144 -14.48 6.42 17.83
N LEU C 145 -15.80 6.26 17.85
CA LEU C 145 -16.49 5.32 16.97
C LEU C 145 -16.95 6.13 15.77
N VAL C 146 -16.44 5.76 14.60
CA VAL C 146 -16.69 6.45 13.34
C VAL C 146 -17.68 5.61 12.55
N LYS C 147 -18.96 5.97 12.64
CA LYS C 147 -20.03 5.06 12.27
C LYS C 147 -20.84 5.51 11.06
N ASP C 148 -21.25 4.53 10.25
CA ASP C 148 -22.25 4.71 9.21
C ASP C 148 -21.86 5.66 8.09
N TYR C 149 -20.72 5.37 7.46
CA TYR C 149 -20.26 6.17 6.34
C TYR C 149 -20.11 5.33 5.08
N PHE C 150 -20.08 6.01 3.93
CA PHE C 150 -19.90 5.34 2.65
C PHE C 150 -19.37 6.35 1.65
N PRO C 151 -18.40 6.01 0.79
CA PRO C 151 -17.62 4.77 0.77
C PRO C 151 -16.39 4.89 1.67
N GLU C 152 -15.52 3.89 1.65
CA GLU C 152 -14.15 4.06 2.18
C GLU C 152 -13.42 5.07 1.31
N PRO C 153 -12.40 5.75 1.83
CA PRO C 153 -11.83 5.61 3.16
C PRO C 153 -12.19 6.79 4.07
N VAL C 154 -11.80 6.69 5.34
CA VAL C 154 -11.79 7.81 6.27
C VAL C 154 -10.39 7.89 6.87
N THR C 155 -9.98 9.09 7.28
CA THR C 155 -8.77 9.23 8.09
C THR C 155 -9.13 9.73 9.49
N VAL C 156 -8.37 9.27 10.48
CA VAL C 156 -8.53 9.72 11.86
C VAL C 156 -7.18 10.13 12.41
N SER C 157 -7.11 11.33 12.96
CA SER C 157 -5.96 11.76 13.77
C SER C 157 -6.44 12.13 15.14
N TRP C 158 -5.49 12.33 16.05
CA TRP C 158 -5.80 12.71 17.42
C TRP C 158 -5.05 14.00 17.74
N ASN C 159 -5.78 14.95 18.31
CA ASN C 159 -5.24 16.27 18.66
C ASN C 159 -4.49 16.93 17.50
N SER C 160 -5.11 16.88 16.32
CA SER C 160 -4.59 17.47 15.08
C SER C 160 -3.19 16.97 14.71
N GLY C 161 -2.92 15.69 15.01
CA GLY C 161 -1.63 15.07 14.71
C GLY C 161 -0.61 15.07 15.85
N ALA C 162 -0.88 15.79 16.93
CA ALA C 162 0.04 15.89 18.06
C ALA C 162 0.08 14.63 18.95
N LEU C 163 -0.97 13.79 18.86
CA LEU C 163 -1.03 12.54 19.61
C LEU C 163 -0.97 11.37 18.63
N THR C 164 0.16 10.68 18.61
CA THR C 164 0.38 9.51 17.76
C THR C 164 0.73 8.24 18.53
N SER C 165 1.48 8.37 19.63
CA SER C 165 1.86 7.23 20.45
C SER C 165 0.61 6.56 21.04
N GLY C 166 0.52 5.24 20.87
CA GLY C 166 -0.57 4.44 21.44
C GLY C 166 -1.88 4.47 20.68
N VAL C 167 -1.89 5.04 19.47
CA VAL C 167 -3.11 5.13 18.66
C VAL C 167 -3.25 3.86 17.85
N HIS C 168 -4.44 3.28 17.83
CA HIS C 168 -4.79 2.19 16.93
C HIS C 168 -6.09 2.54 16.24
N THR C 169 -6.04 2.65 14.91
CA THR C 169 -7.24 2.88 14.11
C THR C 169 -7.51 1.58 13.39
N PHE C 170 -8.67 1.00 13.66
CA PHE C 170 -8.98 -0.34 13.18
C PHE C 170 -9.46 -0.35 11.74
N PRO C 171 -9.26 -1.48 11.04
CA PRO C 171 -9.88 -1.60 9.71
C PRO C 171 -11.39 -1.45 9.81
N ALA C 172 -12.00 -0.79 8.84
CA ALA C 172 -13.44 -0.62 8.82
C ALA C 172 -14.12 -1.96 8.53
N VAL C 173 -15.34 -2.10 9.03
N VAL C 173 -15.33 -2.12 9.05
CA VAL C 173 -16.18 -3.25 8.75
CA VAL C 173 -16.17 -3.26 8.75
C VAL C 173 -17.40 -2.77 7.98
C VAL C 173 -17.40 -2.77 7.98
N LEU C 174 -17.78 -3.52 6.94
CA LEU C 174 -19.01 -3.26 6.19
C LEU C 174 -20.15 -3.87 6.99
N GLN C 175 -21.10 -3.03 7.40
CA GLN C 175 -22.24 -3.48 8.20
C GLN C 175 -23.37 -3.95 7.29
N SER C 176 -24.33 -4.67 7.86
N SER C 176 -24.32 -4.67 7.87
CA SER C 176 -25.49 -5.12 7.09
CA SER C 176 -25.52 -5.13 7.14
C SER C 176 -26.37 -3.98 6.56
C SER C 176 -26.33 -3.97 6.54
N SER C 177 -26.19 -2.78 7.09
CA SER C 177 -26.80 -1.56 6.53
C SER C 177 -26.18 -1.09 5.22
N GLY C 178 -25.07 -1.69 4.78
CA GLY C 178 -24.39 -1.26 3.58
C GLY C 178 -23.43 -0.11 3.83
N LEU C 179 -23.23 0.23 5.11
CA LEU C 179 -22.37 1.34 5.50
C LEU C 179 -21.21 0.83 6.32
N TYR C 180 -20.10 1.55 6.28
CA TYR C 180 -18.90 1.20 7.05
C TYR C 180 -18.90 1.79 8.44
N SER C 181 -18.15 1.15 9.33
N SER C 181 -18.17 1.14 9.35
CA SER C 181 -17.92 1.63 10.70
CA SER C 181 -17.88 1.66 10.67
C SER C 181 -16.54 1.19 11.17
C SER C 181 -16.49 1.22 11.10
N LEU C 182 -15.84 2.07 11.88
CA LEU C 182 -14.58 1.71 12.51
C LEU C 182 -14.44 2.46 13.80
N SER C 183 -13.51 1.99 14.61
N SER C 183 -13.55 1.97 14.65
CA SER C 183 -13.12 2.67 15.83
CA SER C 183 -13.16 2.68 15.86
C SER C 183 -11.66 3.07 15.73
C SER C 183 -11.68 3.04 15.78
N SER C 184 -11.33 4.17 16.38
CA SER C 184 -9.95 4.58 16.58
C SER C 184 -9.81 4.79 18.07
N VAL C 185 -8.78 4.19 18.66
CA VAL C 185 -8.55 4.25 20.09
C VAL C 185 -7.14 4.73 20.39
N VAL C 186 -6.94 5.17 21.61
CA VAL C 186 -5.63 5.54 22.11
C VAL C 186 -5.57 5.21 23.59
N THR C 187 -4.42 4.73 24.03
CA THR C 187 -4.15 4.53 25.45
C THR C 187 -3.23 5.63 25.96
N VAL C 188 -3.52 6.10 27.16
CA VAL C 188 -2.81 7.22 27.79
C VAL C 188 -2.69 6.93 29.28
N PRO C 189 -1.78 7.62 29.98
CA PRO C 189 -1.77 7.46 31.43
C PRO C 189 -3.08 7.93 32.03
N SER C 190 -3.63 7.17 32.98
N SER C 190 -3.62 7.16 32.98
CA SER C 190 -4.89 7.56 33.63
CA SER C 190 -4.87 7.53 33.66
C SER C 190 -4.82 8.93 34.31
C SER C 190 -4.81 8.93 34.28
N SER C 191 -3.64 9.28 34.83
CA SER C 191 -3.40 10.62 35.39
C SER C 191 -3.54 11.79 34.40
N SER C 192 -3.40 11.52 33.10
N SER C 192 -3.39 11.52 33.10
CA SER C 192 -3.55 12.55 32.07
CA SER C 192 -3.55 12.54 32.05
C SER C 192 -5.00 12.91 31.74
C SER C 192 -5.00 12.91 31.76
N LEU C 193 -5.96 12.10 32.20
CA LEU C 193 -7.39 12.35 31.93
C LEU C 193 -7.89 13.66 32.55
N GLY C 194 -7.39 14.00 33.73
CA GLY C 194 -7.71 15.26 34.38
C GLY C 194 -7.11 16.51 33.72
N THR C 195 -5.93 16.36 33.12
CA THR C 195 -5.13 17.49 32.61
C THR C 195 -5.20 17.73 31.10
N GLN C 196 -5.24 16.66 30.30
CA GLN C 196 -5.15 16.76 28.84
C GLN C 196 -6.51 16.64 28.17
N THR C 197 -6.71 17.38 27.08
CA THR C 197 -7.90 17.22 26.24
C THR C 197 -7.57 16.29 25.08
N TYR C 198 -8.55 15.45 24.72
CA TYR C 198 -8.40 14.48 23.66
C TYR C 198 -9.50 14.70 22.64
N ILE C 199 -9.10 14.98 21.41
CA ILE C 199 -10.02 15.24 20.30
C ILE C 199 -9.62 14.36 19.13
N CYS C 200 -10.57 13.59 18.61
CA CYS C 200 -10.32 12.87 17.35
C CYS C 200 -10.75 13.75 16.19
N ASN C 201 -9.95 13.75 15.13
CA ASN C 201 -10.21 14.55 13.93
C ASN C 201 -10.49 13.56 12.80
N VAL C 202 -11.73 13.54 12.34
CA VAL C 202 -12.19 12.55 11.35
C VAL C 202 -12.41 13.27 10.02
N ASN C 203 -11.78 12.79 8.96
CA ASN C 203 -11.98 13.36 7.61
C ASN C 203 -12.50 12.27 6.69
N HIS C 204 -13.58 12.57 6.00
CA HIS C 204 -14.16 11.68 4.99
C HIS C 204 -14.28 12.49 3.71
N LYS C 205 -13.31 12.34 2.83
CA LYS C 205 -13.21 13.14 1.61
C LYS C 205 -14.40 13.01 0.67
N PRO C 206 -14.92 11.78 0.44
CA PRO C 206 -16.04 11.63 -0.51
C PRO C 206 -17.32 12.44 -0.20
N SER C 207 -17.58 12.70 1.08
CA SER C 207 -18.71 13.53 1.50
C SER C 207 -18.28 14.96 1.90
N ASN C 208 -16.99 15.27 1.80
CA ASN C 208 -16.42 16.54 2.26
C ASN C 208 -16.76 16.83 3.73
N THR C 209 -16.69 15.79 4.56
CA THR C 209 -17.02 15.85 5.99
C THR C 209 -15.74 15.93 6.80
N LYS C 210 -15.68 16.90 7.72
CA LYS C 210 -14.61 17.00 8.73
C LYS C 210 -15.27 17.17 10.10
N VAL C 211 -15.03 16.21 10.99
CA VAL C 211 -15.60 16.24 12.35
C VAL C 211 -14.48 16.18 13.37
N ASP C 212 -14.48 17.13 14.30
CA ASP C 212 -13.64 17.07 15.50
C ASP C 212 -14.57 16.73 16.65
N LYS C 213 -14.24 15.67 17.40
CA LYS C 213 -15.05 15.25 18.54
C LYS C 213 -14.18 15.17 19.79
N LYS C 214 -14.51 15.99 20.80
CA LYS C 214 -13.84 15.92 22.09
C LYS C 214 -14.34 14.70 22.84
N VAL C 215 -13.41 13.91 23.38
CA VAL C 215 -13.73 12.71 24.13
C VAL C 215 -13.43 12.98 25.60
N GLU C 216 -14.48 13.09 26.40
CA GLU C 216 -14.39 13.43 27.82
C GLU C 216 -14.61 12.18 28.67
N PRO C 217 -13.97 12.10 29.85
CA PRO C 217 -14.26 10.98 30.76
C PRO C 217 -15.70 10.98 31.25
N LYS C 218 -16.21 9.79 31.61
CA LYS C 218 -17.53 9.66 32.24
C LYS C 218 -17.49 10.33 33.61
N SER C 219 -18.47 11.19 33.89
CA SER C 219 -18.45 12.03 35.09
C SER C 219 -18.83 11.25 36.35
N CYS C 220 -19.97 10.54 36.30
CA CYS C 220 -20.40 9.69 37.42
C CYS C 220 -19.62 8.37 37.41
#